data_1RLG
#
_entry.id   1RLG
#
_cell.length_a   120.584
_cell.length_b   120.584
_cell.length_c   120.584
_cell.angle_alpha   90.00
_cell.angle_beta   90.00
_cell.angle_gamma   90.00
#
_symmetry.space_group_name_H-M   'P 2 3'
#
loop_
_entity.id
_entity.type
_entity.pdbx_description
1 polymer 25-MER
2 polymer '50S ribosomal protein L7Ae'
#
loop_
_entity_poly.entity_id
_entity_poly.type
_entity_poly.pdbx_seq_one_letter_code
_entity_poly.pdbx_strand_id
1 'polyribonucleotide' GC(5BU)C(5BU)GACCGAAAGGCGUGA(5BU)GAGC C,D
2 'polypeptide(L)'
;MYVRFEVPEDMQNEALSLLEKVRESGKVKKGTNETTKAVERGLAKLVYIAEDVDPPEIVAHLPLLCEEKNVPYIYVKSKN
DLGRAVGIEVPCASAAIINEGELRKELGSLVEKIKGLQK
;
A,B
#
loop_
_chem_comp.id
_chem_comp.type
_chem_comp.name
_chem_comp.formula
5BU RNA linking 5-BROMO-URIDINE-5'-MONOPHOSPHATE 'C9 H12 Br N2 O9 P'
A RNA linking ADENOSINE-5'-MONOPHOSPHATE 'C10 H14 N5 O7 P'
C RNA linking CYTIDINE-5'-MONOPHOSPHATE 'C9 H14 N3 O8 P'
G RNA linking GUANOSINE-5'-MONOPHOSPHATE 'C10 H14 N5 O8 P'
U RNA linking URIDINE-5'-MONOPHOSPHATE 'C9 H13 N2 O9 P'
#
# COMPACT_ATOMS: atom_id res chain seq x y z
P 5BU A 3 0.50 -0.08 10.40
OP1 5BU A 3 0.81 1.10 11.25
OP2 5BU A 3 1.16 -1.37 10.70
O5' 5BU A 3 -1.07 -0.35 10.37
C5' 5BU A 3 -1.99 0.71 10.22
C4' 5BU A 3 -3.40 0.21 10.43
O4' 5BU A 3 -3.78 -0.67 9.34
C3' 5BU A 3 -3.60 -0.64 11.68
O3' 5BU A 3 -3.80 0.17 12.82
C2' 5BU A 3 -4.84 -1.43 11.31
O2' 5BU A 3 -6.01 -0.64 11.44
C1' 5BU A 3 -4.60 -1.72 9.83
N1 5BU A 3 -3.93 -3.00 9.56
C2 5BU A 3 -4.72 -4.08 9.32
O2 5BU A 3 -5.95 -4.03 9.38
N3 5BU A 3 -4.06 -5.24 8.99
C4 5BU A 3 -2.70 -5.42 8.89
O4 5BU A 3 -2.27 -6.52 8.58
C5 5BU A 3 -1.92 -4.27 9.19
C6 5BU A 3 -2.54 -3.12 9.51
BR 5BU A 3 -0.29 -4.36 9.14
P 5BU A 5 -5.52 -4.02 18.29
OP1 5BU A 5 -5.99 -3.48 19.59
OP2 5BU A 5 -4.11 -3.80 17.88
O5' 5BU A 5 -5.79 -5.59 18.27
C5' 5BU A 5 -7.12 -6.08 18.34
C4' 5BU A 5 -7.16 -7.53 17.96
O4' 5BU A 5 -6.69 -7.68 16.59
C3' 5BU A 5 -6.23 -8.42 18.76
O3' 5BU A 5 -6.78 -8.80 20.02
C2' 5BU A 5 -6.04 -9.61 17.82
O2' 5BU A 5 -7.15 -10.50 17.83
C1' 5BU A 5 -5.98 -8.91 16.46
N1 5BU A 5 -4.61 -8.66 15.99
C2 5BU A 5 -3.95 -9.75 15.44
O2 5BU A 5 -4.47 -10.84 15.30
N3 5BU A 5 -2.66 -9.52 15.03
C4 5BU A 5 -1.97 -8.33 15.12
O4 5BU A 5 -0.80 -8.29 14.70
C5 5BU A 5 -2.71 -7.24 15.68
C6 5BU A 5 -3.97 -7.44 16.10
BR 5BU A 5 -1.99 -5.79 15.84
P 5BU A 21 1.92 -17.16 10.93
OP1 5BU A 21 2.17 -18.10 9.81
OP2 5BU A 21 2.09 -15.70 10.70
O5' 5BU A 21 0.45 -17.44 11.48
C5' 5BU A 21 0.11 -18.71 11.99
C4' 5BU A 21 -1.17 -18.63 12.77
O4' 5BU A 21 -0.95 -17.77 13.92
C3' 5BU A 21 -2.32 -17.96 12.04
O3' 5BU A 21 -3.01 -18.85 11.17
C2' 5BU A 21 -3.19 -17.46 13.19
O2' 5BU A 21 -3.98 -18.47 13.76
C1' 5BU A 21 -2.12 -17.01 14.19
N1 5BU A 21 -1.81 -15.58 14.09
C2 5BU A 21 -2.74 -14.72 14.61
O2 5BU A 21 -3.78 -15.10 15.11
N3 5BU A 21 -2.42 -13.39 14.52
C4 5BU A 21 -1.28 -12.84 13.98
O4 5BU A 21 -1.15 -11.62 13.99
C5 5BU A 21 -0.35 -13.79 13.45
C6 5BU A 21 -0.64 -15.10 13.52
BR 5BU A 21 1.02 -13.27 12.75
P 5BU B 3 -2.13 1.06 -8.21
OP1 5BU B 3 -2.71 2.26 -8.88
OP2 5BU B 3 -2.57 -0.29 -8.63
O5' 5BU B 3 -0.55 1.15 -8.33
C5' 5BU B 3 0.16 2.32 -7.94
C4' 5BU B 3 1.64 2.12 -8.10
O4' 5BU B 3 2.11 1.15 -7.14
C3' 5BU B 3 2.06 1.51 -9.43
O3' 5BU B 3 2.14 2.45 -10.47
C2' 5BU B 3 3.42 0.92 -9.09
O2' 5BU B 3 4.46 1.86 -9.01
C1' 5BU B 3 3.16 0.37 -7.70
N1 5BU B 3 2.78 -1.04 -7.78
C2 5BU B 3 3.82 -1.92 -7.91
O2 5BU B 3 4.98 -1.58 -7.95
N3 5BU B 3 3.44 -3.24 -8.02
C4 5BU B 3 2.17 -3.74 -7.98
O4 5BU B 3 1.99 -4.94 -8.07
C5 5BU B 3 1.14 -2.76 -7.82
C6 5BU B 3 1.47 -1.46 -7.73
BR 5BU B 3 -0.42 -3.22 -7.77
P 5BU B 5 5.23 0.13 -16.33
OP1 5BU B 5 5.62 1.04 -17.42
OP2 5BU B 5 3.79 -0.11 -16.04
O5' 5BU B 5 5.93 -1.27 -16.61
C5' 5BU B 5 7.34 -1.33 -16.71
C4' 5BU B 5 7.82 -2.76 -16.82
O4' 5BU B 5 7.43 -3.50 -15.63
C3' 5BU B 5 7.19 -3.56 -17.94
O3' 5BU B 5 7.87 -3.36 -19.16
C2' 5BU B 5 7.41 -4.98 -17.47
O2' 5BU B 5 8.74 -5.35 -17.73
C1' 5BU B 5 7.18 -4.84 -15.97
N1 5BU B 5 5.81 -5.23 -15.58
C2 5BU B 5 5.60 -6.59 -15.40
O2 5BU B 5 6.47 -7.42 -15.57
N3 5BU B 5 4.32 -6.94 -15.05
C4 5BU B 5 3.25 -6.10 -14.85
O4 5BU B 5 2.16 -6.58 -14.53
C5 5BU B 5 3.53 -4.71 -15.04
C6 5BU B 5 4.79 -4.32 -15.39
BR 5BU B 5 2.35 -3.62 -14.84
P 5BU B 21 1.96 -16.50 -13.64
OP1 5BU B 21 1.93 -17.77 -12.87
OP2 5BU B 21 1.43 -15.25 -13.06
O5' 5BU B 21 3.46 -16.23 -14.09
C5' 5BU B 21 4.15 -17.16 -14.92
C4' 5BU B 21 5.45 -16.56 -15.39
O4' 5BU B 21 5.16 -15.54 -16.38
C3' 5BU B 21 6.18 -15.80 -14.31
O3' 5BU B 21 6.89 -16.63 -13.39
C2' 5BU B 21 7.06 -14.86 -15.12
O2' 5BU B 21 8.20 -15.52 -15.65
C1' 5BU B 21 6.09 -14.48 -16.25
N1 5BU B 21 5.37 -13.23 -15.93
C2 5BU B 21 6.08 -12.05 -16.12
O2 5BU B 21 7.21 -12.04 -16.59
N3 5BU B 21 5.42 -10.90 -15.76
C4 5BU B 21 4.13 -10.78 -15.24
O4 5BU B 21 3.69 -9.67 -14.96
C5 5BU B 21 3.43 -12.03 -15.09
C6 5BU B 21 4.06 -13.20 -15.44
BR 5BU B 21 1.91 -12.03 -14.45
N VAL C 7 20.02 4.07 35.41
CA VAL C 7 19.14 3.21 36.23
C VAL C 7 19.90 2.09 36.95
N PRO C 8 19.57 1.84 38.22
CA PRO C 8 20.18 0.82 39.07
C PRO C 8 19.94 -0.61 38.63
N GLU C 9 20.81 -1.52 39.06
CA GLU C 9 20.66 -2.94 38.73
C GLU C 9 19.94 -3.59 39.90
N ASP C 10 20.02 -2.94 41.06
CA ASP C 10 19.38 -3.42 42.28
C ASP C 10 17.88 -3.13 42.20
N MET C 11 17.57 -1.92 41.76
CA MET C 11 16.20 -1.47 41.61
C MET C 11 15.59 -2.20 40.43
N GLN C 12 16.45 -2.65 39.52
CA GLN C 12 16.05 -3.35 38.31
C GLN C 12 15.53 -4.76 38.57
N ASN C 13 16.19 -5.51 39.44
CA ASN C 13 15.77 -6.87 39.74
C ASN C 13 14.40 -6.80 40.40
N GLU C 14 14.18 -5.71 41.11
CA GLU C 14 12.91 -5.49 41.80
C GLU C 14 11.78 -5.45 40.78
N ALA C 15 11.88 -4.52 39.83
CA ALA C 15 10.88 -4.37 38.79
C ALA C 15 10.49 -5.70 38.13
N LEU C 16 11.51 -6.43 37.67
CA LEU C 16 11.29 -7.73 37.03
C LEU C 16 10.47 -8.65 37.94
N SER C 17 10.79 -8.61 39.23
CA SER C 17 10.08 -9.44 40.20
C SER C 17 8.61 -9.07 40.17
N LEU C 18 8.34 -7.78 40.38
CA LEU C 18 6.98 -7.27 40.37
C LEU C 18 6.28 -7.73 39.10
N LEU C 19 6.91 -7.47 37.96
CA LEU C 19 6.37 -7.83 36.66
C LEU C 19 5.99 -9.31 36.53
N GLU C 20 6.91 -10.19 36.91
CA GLU C 20 6.66 -11.63 36.81
C GLU C 20 5.47 -12.12 37.64
N LYS C 21 5.19 -11.41 38.72
CA LYS C 21 4.06 -11.76 39.59
C LYS C 21 2.85 -10.96 39.14
N VAL C 22 3.07 -9.71 38.77
CA VAL C 22 2.00 -8.84 38.29
C VAL C 22 1.08 -9.58 37.35
N ARG C 23 1.67 -10.41 36.49
CA ARG C 23 0.91 -11.17 35.51
C ARG C 23 0.03 -12.25 36.12
N GLU C 24 0.43 -12.75 37.30
CA GLU C 24 -0.33 -13.79 37.98
C GLU C 24 -1.68 -13.26 38.44
N SER C 25 -1.69 -11.99 38.87
CA SER C 25 -2.92 -11.36 39.36
C SER C 25 -3.47 -10.32 38.38
N GLY C 26 -2.66 -9.32 38.05
CA GLY C 26 -3.09 -8.28 37.13
C GLY C 26 -2.94 -8.63 35.65
N LYS C 27 -2.74 -7.62 34.82
CA LYS C 27 -2.60 -7.84 33.38
C LYS C 27 -1.38 -7.10 32.81
N VAL C 28 -0.67 -7.78 31.92
CA VAL C 28 0.53 -7.23 31.30
C VAL C 28 0.50 -7.34 29.78
N LYS C 29 1.09 -6.37 29.08
CA LYS C 29 1.17 -6.39 27.63
C LYS C 29 2.63 -6.57 27.26
N LYS C 30 2.91 -7.53 26.39
CA LYS C 30 4.28 -7.85 25.98
C LYS C 30 4.55 -7.57 24.51
N GLY C 31 5.64 -6.85 24.24
CA GLY C 31 6.01 -6.52 22.87
C GLY C 31 5.79 -5.05 22.55
N THR C 32 6.77 -4.43 21.91
CA THR C 32 6.69 -3.01 21.56
C THR C 32 5.37 -2.62 20.87
N ASN C 33 4.90 -3.43 19.94
CA ASN C 33 3.66 -3.13 19.27
C ASN C 33 2.51 -2.93 20.25
N GLU C 34 2.23 -3.92 21.09
CA GLU C 34 1.15 -3.80 22.06
C GLU C 34 1.47 -2.80 23.18
N THR C 35 2.76 -2.69 23.53
CA THR C 35 3.18 -1.76 24.59
C THR C 35 2.91 -0.32 24.16
N THR C 36 3.30 0.02 22.95
CA THR C 36 3.10 1.37 22.42
C THR C 36 1.61 1.71 22.40
N LYS C 37 0.84 0.84 21.76
CA LYS C 37 -0.60 1.04 21.67
C LYS C 37 -1.21 1.10 23.06
N ALA C 38 -0.45 0.66 24.06
CA ALA C 38 -0.91 0.66 25.45
C ALA C 38 -0.80 2.06 26.06
N VAL C 39 0.36 2.70 25.87
CA VAL C 39 0.56 4.03 26.40
C VAL C 39 -0.30 5.03 25.62
N GLU C 40 -0.44 4.81 24.32
CA GLU C 40 -1.23 5.70 23.48
C GLU C 40 -2.69 5.72 23.92
N ARG C 41 -3.10 4.66 24.62
CA ARG C 41 -4.49 4.57 25.06
C ARG C 41 -4.64 4.80 26.58
N GLY C 42 -3.63 5.44 27.16
CA GLY C 42 -3.63 5.75 28.58
C GLY C 42 -3.91 4.59 29.51
N LEU C 43 -3.52 3.39 29.11
CA LEU C 43 -3.74 2.22 29.93
C LEU C 43 -2.44 1.64 30.47
N ALA C 44 -1.36 2.38 30.26
CA ALA C 44 -0.04 1.94 30.71
C ALA C 44 0.28 2.36 32.14
N LYS C 45 0.18 1.43 33.08
CA LYS C 45 0.50 1.73 34.45
C LYS C 45 2.02 1.95 34.51
N LEU C 46 2.76 0.92 34.13
CA LEU C 46 4.22 1.01 34.09
C LEU C 46 4.77 0.37 32.81
N VAL C 47 5.85 0.93 32.29
CA VAL C 47 6.44 0.40 31.07
C VAL C 47 7.90 -0.02 31.28
N TYR C 48 8.22 -1.21 30.78
CA TYR C 48 9.56 -1.76 30.87
C TYR C 48 10.23 -1.70 29.51
N ILE C 49 11.50 -1.34 29.50
CA ILE C 49 12.27 -1.24 28.26
C ILE C 49 13.61 -1.94 28.44
N ALA C 50 14.00 -2.76 27.47
CA ALA C 50 15.27 -3.45 27.54
C ALA C 50 16.31 -2.51 26.94
N GLU C 51 17.53 -2.56 27.47
CA GLU C 51 18.60 -1.69 26.97
C GLU C 51 19.33 -2.32 25.79
N ASP C 52 19.41 -3.65 25.80
CA ASP C 52 20.10 -4.39 24.74
C ASP C 52 19.24 -4.67 23.51
N VAL C 53 18.81 -3.62 22.81
CA VAL C 53 18.01 -3.80 21.62
C VAL C 53 18.91 -3.65 20.37
N ASP C 54 18.52 -4.31 19.28
CA ASP C 54 19.28 -4.41 18.03
C ASP C 54 19.97 -3.36 17.10
N PRO C 55 19.35 -2.21 16.70
CA PRO C 55 18.18 -1.34 16.78
C PRO C 55 17.42 -1.40 18.09
N PRO C 56 17.12 -0.24 18.70
CA PRO C 56 17.08 1.22 18.78
C PRO C 56 15.92 1.85 18.03
N GLU C 57 16.04 1.98 16.71
CA GLU C 57 14.94 2.58 15.95
C GLU C 57 13.65 1.77 16.14
N ILE C 58 13.77 0.61 16.78
CA ILE C 58 12.61 -0.24 17.02
C ILE C 58 11.88 0.05 18.32
N VAL C 59 12.58 0.62 19.29
CA VAL C 59 11.99 0.92 20.59
C VAL C 59 12.26 2.36 21.06
N ALA C 60 13.00 3.11 20.24
CA ALA C 60 13.38 4.50 20.55
C ALA C 60 12.24 5.47 20.84
N HIS C 61 11.11 5.30 20.19
CA HIS C 61 9.97 6.20 20.37
C HIS C 61 9.32 6.12 21.75
N LEU C 62 9.42 4.97 22.40
CA LEU C 62 8.81 4.78 23.71
C LEU C 62 9.19 5.81 24.78
N PRO C 63 10.49 5.99 25.04
CA PRO C 63 10.95 6.96 26.03
C PRO C 63 10.12 8.24 26.01
N LEU C 64 10.07 8.86 24.85
CA LEU C 64 9.33 10.09 24.66
C LEU C 64 7.85 9.92 25.01
N LEU C 65 7.17 9.08 24.26
CA LEU C 65 5.73 8.82 24.44
C LEU C 65 5.27 8.66 25.88
N CYS C 66 6.11 8.04 26.72
CA CYS C 66 5.75 7.83 28.11
C CYS C 66 5.75 9.13 28.92
N GLU C 67 6.87 9.85 28.85
CA GLU C 67 6.97 11.10 29.59
C GLU C 67 5.93 12.10 29.14
N GLU C 68 5.40 11.94 27.93
CA GLU C 68 4.39 12.86 27.44
C GLU C 68 2.97 12.35 27.71
N LYS C 69 2.87 11.07 28.04
CA LYS C 69 1.58 10.47 28.35
C LYS C 69 1.41 10.31 29.84
N ASN C 70 2.39 10.82 30.58
CA ASN C 70 2.39 10.78 32.04
C ASN C 70 2.45 9.34 32.55
N VAL C 71 3.18 8.49 31.83
CA VAL C 71 3.33 7.09 32.22
C VAL C 71 4.80 6.76 32.46
N PRO C 72 5.09 6.11 33.61
CA PRO C 72 6.43 5.72 34.03
C PRO C 72 7.09 4.62 33.19
N TYR C 73 8.37 4.81 32.89
CA TYR C 73 9.11 3.84 32.10
C TYR C 73 10.40 3.46 32.83
N ILE C 74 10.73 2.17 32.80
CA ILE C 74 11.94 1.70 33.46
C ILE C 74 12.84 0.95 32.48
N TYR C 75 14.14 1.20 32.56
CA TYR C 75 15.11 0.56 31.67
C TYR C 75 15.69 -0.70 32.32
N VAL C 76 15.75 -1.79 31.56
CA VAL C 76 16.28 -3.05 32.05
C VAL C 76 17.47 -3.52 31.22
N LYS C 77 18.40 -4.22 31.87
CA LYS C 77 19.61 -4.74 31.23
C LYS C 77 19.37 -5.56 29.96
N SER C 78 18.92 -6.80 30.12
CA SER C 78 18.67 -7.68 28.97
C SER C 78 17.21 -7.89 28.60
N LYS C 79 16.95 -7.99 27.31
CA LYS C 79 15.60 -8.22 26.79
C LYS C 79 15.17 -9.65 27.11
N ASN C 80 16.16 -10.51 27.31
CA ASN C 80 15.90 -11.91 27.62
C ASN C 80 15.28 -11.99 29.02
N ASP C 81 15.79 -11.16 29.92
CA ASP C 81 15.29 -11.13 31.28
C ASP C 81 13.85 -10.63 31.26
N LEU C 82 13.61 -9.57 30.49
CA LEU C 82 12.28 -9.02 30.35
C LEU C 82 11.43 -10.09 29.70
N GLY C 83 12.11 -11.01 29.01
CA GLY C 83 11.42 -12.10 28.36
C GLY C 83 10.90 -13.12 29.35
N ARG C 84 11.78 -13.71 30.15
CA ARG C 84 11.35 -14.70 31.11
C ARG C 84 10.44 -14.14 32.20
N ALA C 85 10.45 -12.81 32.36
CA ALA C 85 9.60 -12.19 33.35
C ALA C 85 8.16 -12.25 32.85
N VAL C 86 8.00 -11.99 31.56
CA VAL C 86 6.69 -12.00 30.91
C VAL C 86 6.14 -13.41 30.70
N GLY C 87 6.92 -14.43 31.06
CA GLY C 87 6.48 -15.79 30.88
C GLY C 87 6.43 -16.13 29.41
N ILE C 88 7.35 -15.52 28.66
CA ILE C 88 7.44 -15.73 27.22
C ILE C 88 8.71 -16.55 26.95
N GLU C 89 8.78 -17.16 25.77
CA GLU C 89 9.92 -17.98 25.37
C GLU C 89 10.97 -17.16 24.60
N VAL C 90 10.48 -16.18 23.84
CA VAL C 90 11.32 -15.30 23.04
C VAL C 90 11.67 -14.03 23.83
N PRO C 91 12.88 -13.48 23.63
CA PRO C 91 13.24 -12.27 24.35
C PRO C 91 12.25 -11.14 24.02
N CYS C 92 11.95 -10.32 25.02
CA CYS C 92 11.02 -9.21 24.83
C CYS C 92 11.78 -7.89 24.89
N ALA C 93 11.55 -7.01 23.93
CA ALA C 93 12.24 -5.72 23.88
C ALA C 93 11.56 -4.63 24.69
N SER C 94 10.30 -4.85 25.04
CA SER C 94 9.56 -3.85 25.78
C SER C 94 8.26 -4.42 26.28
N ALA C 95 7.83 -3.95 27.44
CA ALA C 95 6.59 -4.44 28.03
C ALA C 95 5.91 -3.35 28.83
N ALA C 96 4.60 -3.45 28.97
CA ALA C 96 3.83 -2.48 29.72
C ALA C 96 2.75 -3.19 30.53
N ILE C 97 2.73 -2.92 31.83
CA ILE C 97 1.74 -3.52 32.72
C ILE C 97 0.52 -2.60 32.73
N ILE C 98 -0.65 -3.15 32.41
CA ILE C 98 -1.88 -2.36 32.35
C ILE C 98 -2.77 -2.46 33.59
N ASN C 99 -2.56 -3.49 34.39
CA ASN C 99 -3.33 -3.70 35.61
C ASN C 99 -2.41 -4.20 36.72
N GLU C 100 -2.17 -3.34 37.71
CA GLU C 100 -1.29 -3.66 38.84
C GLU C 100 -1.74 -4.92 39.59
N GLY C 101 -3.05 -5.14 39.67
CA GLY C 101 -3.56 -6.33 40.35
C GLY C 101 -3.45 -6.30 41.86
N GLU C 102 -3.03 -7.42 42.43
CA GLU C 102 -2.89 -7.54 43.88
C GLU C 102 -1.51 -7.08 44.35
N LEU C 103 -0.88 -6.26 43.53
CA LEU C 103 0.47 -5.72 43.82
C LEU C 103 0.48 -4.20 43.80
N ARG C 104 -0.64 -3.61 43.41
CA ARG C 104 -0.79 -2.15 43.32
C ARG C 104 0.11 -1.36 44.26
N LYS C 105 -0.20 -1.43 45.55
CA LYS C 105 0.57 -0.74 46.57
C LYS C 105 2.06 -1.05 46.45
N GLU C 106 2.37 -2.34 46.41
CA GLU C 106 3.72 -2.82 46.29
C GLU C 106 4.40 -2.27 45.04
N LEU C 107 3.59 -1.77 44.11
CA LEU C 107 4.09 -1.19 42.86
C LEU C 107 4.22 0.33 42.97
N GLY C 108 3.21 0.95 43.59
CA GLY C 108 3.21 2.40 43.74
C GLY C 108 4.51 2.93 44.32
N SER C 109 5.16 2.10 45.13
CA SER C 109 6.43 2.45 45.77
C SER C 109 7.54 2.48 44.72
N LEU C 110 7.47 1.54 43.78
CA LEU C 110 8.46 1.46 42.71
C LEU C 110 8.31 2.65 41.77
N VAL C 111 7.08 3.12 41.62
CA VAL C 111 6.78 4.26 40.77
C VAL C 111 7.52 5.51 41.23
N GLU C 112 7.55 5.71 42.54
CA GLU C 112 8.21 6.86 43.14
C GLU C 112 9.73 6.75 43.11
N LYS C 113 10.24 5.53 43.29
CA LYS C 113 11.70 5.30 43.27
C LYS C 113 12.33 5.70 41.93
N ILE C 114 11.56 5.56 40.86
CA ILE C 114 12.05 5.91 39.53
C ILE C 114 11.91 7.42 39.35
N LYS C 115 10.75 7.94 39.72
CA LYS C 115 10.47 9.37 39.61
C LYS C 115 11.42 10.13 40.52
N GLY C 116 11.88 9.46 41.58
CA GLY C 116 12.81 10.08 42.50
C GLY C 116 14.24 9.85 42.03
N LEU C 117 14.37 9.38 40.79
CA LEU C 117 15.67 9.11 40.21
C LEU C 117 16.00 10.11 39.12
N GLN C 118 15.07 11.05 38.89
CA GLN C 118 15.24 12.07 37.87
C GLN C 118 15.14 13.50 38.40
N LYS C 119 14.59 13.65 39.61
CA LYS C 119 14.42 14.95 40.25
C LYS C 119 15.59 15.92 40.02
N TYR D 2 -22.77 0.46 -25.44
CA TYR D 2 -21.98 1.47 -24.68
C TYR D 2 -21.12 2.34 -25.62
N VAL D 3 -21.30 2.13 -26.92
CA VAL D 3 -20.58 2.90 -27.93
C VAL D 3 -21.16 4.31 -27.92
N ARG D 4 -20.36 5.29 -28.35
CA ARG D 4 -20.81 6.68 -28.36
C ARG D 4 -20.96 7.25 -29.77
N PHE D 5 -20.84 6.37 -30.76
CA PHE D 5 -20.98 6.74 -32.16
C PHE D 5 -20.68 5.52 -33.01
N GLU D 6 -21.48 5.30 -34.04
CA GLU D 6 -21.30 4.14 -34.90
C GLU D 6 -20.03 4.33 -35.75
N VAL D 7 -19.46 3.23 -36.21
CA VAL D 7 -18.25 3.29 -37.02
C VAL D 7 -18.46 2.47 -38.27
N PRO D 8 -18.45 3.13 -39.44
CA PRO D 8 -18.64 2.42 -40.72
C PRO D 8 -17.74 1.19 -40.85
N GLU D 9 -18.29 0.12 -41.40
CA GLU D 9 -17.51 -1.09 -41.62
C GLU D 9 -16.14 -0.76 -42.23
N ASP D 10 -16.17 -0.15 -43.41
CA ASP D 10 -14.96 0.20 -44.13
C ASP D 10 -13.90 0.92 -43.30
N MET D 11 -14.36 1.79 -42.41
CA MET D 11 -13.46 2.57 -41.57
C MET D 11 -12.75 1.72 -40.51
N GLN D 12 -13.52 0.90 -39.80
CA GLN D 12 -12.94 0.05 -38.79
C GLN D 12 -11.97 -0.94 -39.42
N ASN D 13 -12.23 -1.28 -40.67
CA ASN D 13 -11.33 -2.19 -41.38
C ASN D 13 -10.01 -1.45 -41.62
N GLU D 14 -10.11 -0.19 -42.03
CA GLU D 14 -8.92 0.63 -42.28
C GLU D 14 -8.15 0.72 -40.98
N ALA D 15 -8.90 0.94 -39.91
CA ALA D 15 -8.34 1.08 -38.57
C ALA D 15 -7.53 -0.14 -38.16
N LEU D 16 -8.12 -1.32 -38.37
CA LEU D 16 -7.48 -2.58 -38.02
C LEU D 16 -6.27 -2.93 -38.87
N SER D 17 -6.30 -2.54 -40.15
CA SER D 17 -5.19 -2.82 -41.05
C SER D 17 -4.06 -1.86 -40.75
N LEU D 18 -4.41 -0.66 -40.32
CA LEU D 18 -3.40 0.32 -40.00
C LEU D 18 -2.72 -0.16 -38.74
N LEU D 19 -3.53 -0.63 -37.80
CA LEU D 19 -2.99 -1.10 -36.53
C LEU D 19 -1.98 -2.22 -36.71
N GLU D 20 -2.26 -3.19 -37.57
CA GLU D 20 -1.29 -4.27 -37.71
C GLU D 20 -0.07 -3.87 -38.50
N LYS D 21 -0.19 -2.83 -39.31
CA LYS D 21 0.94 -2.37 -40.08
C LYS D 21 1.84 -1.55 -39.16
N VAL D 22 1.22 -0.71 -38.33
CA VAL D 22 1.99 0.12 -37.40
C VAL D 22 2.71 -0.79 -36.39
N ARG D 23 2.15 -1.97 -36.17
CA ARG D 23 2.73 -2.93 -35.24
C ARG D 23 4.16 -3.23 -35.69
N GLU D 24 4.45 -2.90 -36.94
CA GLU D 24 5.76 -3.12 -37.54
C GLU D 24 6.58 -1.83 -37.51
N SER D 25 6.16 -0.86 -38.31
CA SER D 25 6.86 0.43 -38.41
C SER D 25 7.06 1.11 -37.06
N GLY D 26 6.16 0.83 -36.11
CA GLY D 26 6.28 1.51 -34.83
C GLY D 26 5.99 0.78 -33.54
N LYS D 27 5.54 1.55 -32.56
CA LYS D 27 5.23 1.04 -31.24
C LYS D 27 3.73 1.00 -30.99
N VAL D 28 3.30 -0.10 -30.41
CA VAL D 28 1.91 -0.36 -30.09
C VAL D 28 1.78 -0.90 -28.66
N LYS D 29 0.67 -0.60 -28.00
CA LYS D 29 0.44 -1.12 -26.67
C LYS D 29 -0.89 -1.87 -26.72
N LYS D 30 -0.95 -3.09 -26.17
CA LYS D 30 -2.19 -3.84 -26.18
C LYS D 30 -2.61 -4.29 -24.81
N GLY D 31 -3.92 -4.37 -24.58
CA GLY D 31 -4.42 -4.75 -23.27
C GLY D 31 -4.91 -3.50 -22.58
N THR D 32 -6.09 -3.58 -22.01
CA THR D 32 -6.68 -2.43 -21.35
C THR D 32 -5.77 -1.70 -20.35
N ASN D 33 -5.10 -2.47 -19.51
CA ASN D 33 -4.19 -1.92 -18.52
C ASN D 33 -3.13 -1.02 -19.12
N GLU D 34 -2.33 -1.57 -20.02
CA GLU D 34 -1.27 -0.82 -20.67
C GLU D 34 -1.87 0.33 -21.45
N THR D 35 -2.96 0.05 -22.18
CA THR D 35 -3.62 1.10 -22.95
C THR D 35 -3.94 2.30 -22.05
N THR D 36 -4.68 2.05 -20.96
CA THR D 36 -5.05 3.13 -20.06
C THR D 36 -3.84 3.95 -19.66
N LYS D 37 -2.73 3.30 -19.35
CA LYS D 37 -1.52 4.02 -18.96
C LYS D 37 -1.03 4.87 -20.15
N ALA D 38 -1.03 4.30 -21.35
CA ALA D 38 -0.57 5.03 -22.53
C ALA D 38 -1.33 6.35 -22.67
N VAL D 39 -2.61 6.32 -22.35
CA VAL D 39 -3.42 7.51 -22.43
C VAL D 39 -3.06 8.44 -21.27
N GLU D 40 -3.02 7.90 -20.06
CA GLU D 40 -2.70 8.70 -18.86
C GLU D 40 -1.37 9.43 -19.00
N ARG D 41 -0.36 8.71 -19.49
CA ARG D 41 0.97 9.27 -19.67
C ARG D 41 0.99 10.23 -20.85
N GLY D 42 -0.18 10.41 -21.47
CA GLY D 42 -0.29 11.27 -22.63
C GLY D 42 0.61 10.81 -23.78
N LEU D 43 0.68 9.51 -24.02
CA LEU D 43 1.52 9.00 -25.11
C LEU D 43 0.72 8.36 -26.24
N ALA D 44 -0.57 8.11 -25.98
CA ALA D 44 -1.46 7.49 -26.94
C ALA D 44 -1.90 8.41 -28.08
N LYS D 45 -1.60 8.01 -29.31
CA LYS D 45 -1.97 8.80 -30.48
C LYS D 45 -3.34 8.41 -31.03
N LEU D 46 -3.75 7.17 -30.78
CA LEU D 46 -5.05 6.67 -31.21
C LEU D 46 -5.33 5.48 -30.32
N VAL D 47 -6.57 5.38 -29.86
CA VAL D 47 -6.95 4.27 -29.00
C VAL D 47 -8.01 3.44 -29.68
N TYR D 48 -7.91 2.12 -29.56
CA TYR D 48 -8.89 1.23 -30.13
C TYR D 48 -9.72 0.67 -29.00
N ILE D 49 -10.96 0.31 -29.28
CA ILE D 49 -11.84 -0.24 -28.27
C ILE D 49 -12.79 -1.24 -28.92
N ALA D 50 -12.73 -2.50 -28.49
CA ALA D 50 -13.59 -3.53 -29.03
C ALA D 50 -14.99 -3.25 -28.52
N GLU D 51 -16.00 -3.77 -29.21
CA GLU D 51 -17.39 -3.55 -28.81
C GLU D 51 -17.99 -4.74 -28.07
N ASP D 52 -17.61 -5.96 -28.47
CA ASP D 52 -18.10 -7.17 -27.84
C ASP D 52 -17.44 -7.46 -26.51
N VAL D 53 -17.07 -6.42 -25.78
CA VAL D 53 -16.42 -6.61 -24.48
C VAL D 53 -17.50 -6.88 -23.44
N ASP D 54 -17.42 -8.04 -22.77
CA ASP D 54 -18.40 -8.45 -21.75
C ASP D 54 -17.74 -8.89 -20.42
N PRO D 55 -17.78 -8.04 -19.36
CA PRO D 55 -18.33 -6.69 -19.14
C PRO D 55 -18.01 -5.79 -20.33
N PRO D 56 -18.36 -4.50 -20.29
CA PRO D 56 -18.89 -3.24 -19.77
C PRO D 56 -17.89 -2.46 -18.91
N GLU D 57 -17.97 -2.64 -17.60
CA GLU D 57 -17.07 -1.91 -16.71
C GLU D 57 -15.58 -1.90 -17.06
N ILE D 58 -15.14 -2.87 -17.85
CA ILE D 58 -13.72 -2.93 -18.20
C ILE D 58 -13.14 -1.74 -18.96
N VAL D 59 -13.72 -1.40 -20.12
CA VAL D 59 -13.24 -0.27 -20.93
C VAL D 59 -14.05 1.01 -20.73
N ALA D 60 -15.23 0.87 -20.12
CA ALA D 60 -16.13 2.00 -19.87
C ALA D 60 -15.44 3.30 -19.46
N HIS D 61 -14.27 3.21 -18.86
CA HIS D 61 -13.57 4.42 -18.41
C HIS D 61 -12.77 5.12 -19.52
N LEU D 62 -12.38 4.35 -20.53
CA LEU D 62 -11.56 4.89 -21.62
C LEU D 62 -12.08 6.14 -22.35
N PRO D 63 -13.27 6.06 -22.97
CA PRO D 63 -13.82 7.21 -23.70
C PRO D 63 -13.61 8.54 -23.01
N LEU D 64 -14.00 8.65 -21.75
CA LEU D 64 -13.83 9.90 -21.03
C LEU D 64 -12.37 10.19 -20.72
N LEU D 65 -11.58 9.14 -20.48
CA LEU D 65 -10.15 9.31 -20.19
C LEU D 65 -9.55 9.94 -21.43
N CYS D 66 -9.90 9.39 -22.58
CA CYS D 66 -9.48 9.98 -23.86
C CYS D 66 -10.39 11.20 -23.89
N GLU D 67 -10.15 12.16 -24.76
CA GLU D 67 -11.00 13.34 -24.81
C GLU D 67 -11.09 13.95 -23.41
N GLU D 68 -9.96 13.91 -22.72
CA GLU D 68 -9.81 14.49 -21.40
C GLU D 68 -8.34 14.78 -21.51
N LYS D 69 -7.64 13.77 -22.00
CA LYS D 69 -6.21 13.84 -22.24
C LYS D 69 -6.08 14.13 -23.73
N ASN D 70 -7.20 14.52 -24.32
CA ASN D 70 -7.28 14.88 -25.74
C ASN D 70 -6.78 13.78 -26.68
N VAL D 71 -7.18 12.55 -26.42
CA VAL D 71 -6.74 11.42 -27.23
C VAL D 71 -7.88 10.84 -28.05
N PRO D 72 -7.68 10.68 -29.36
CA PRO D 72 -8.75 10.12 -30.19
C PRO D 72 -8.89 8.62 -30.02
N TYR D 73 -10.09 8.10 -30.24
CA TYR D 73 -10.36 6.66 -30.12
C TYR D 73 -11.40 6.23 -31.14
N ILE D 74 -11.40 4.93 -31.47
CA ILE D 74 -12.33 4.39 -32.45
C ILE D 74 -12.78 3.00 -32.01
N TYR D 75 -14.02 2.65 -32.29
CA TYR D 75 -14.52 1.32 -31.91
C TYR D 75 -14.30 0.32 -33.01
N VAL D 76 -14.06 -0.92 -32.62
CA VAL D 76 -13.89 -1.99 -33.58
C VAL D 76 -14.87 -3.04 -33.10
N LYS D 77 -15.45 -3.79 -34.02
CA LYS D 77 -16.46 -4.79 -33.64
C LYS D 77 -16.01 -5.91 -32.72
N SER D 78 -15.03 -6.69 -33.18
CA SER D 78 -14.53 -7.84 -32.42
C SER D 78 -13.25 -7.66 -31.62
N LYS D 79 -13.31 -7.96 -30.33
CA LYS D 79 -12.15 -7.90 -29.45
C LYS D 79 -11.19 -9.00 -29.91
N ASN D 80 -11.75 -10.00 -30.60
CA ASN D 80 -10.95 -11.10 -31.14
C ASN D 80 -10.19 -10.56 -32.33
N ASP D 81 -10.89 -9.76 -33.14
CA ASP D 81 -10.28 -9.15 -34.32
C ASP D 81 -9.13 -8.26 -33.83
N LEU D 82 -9.44 -7.46 -32.83
CA LEU D 82 -8.47 -6.56 -32.26
C LEU D 82 -7.23 -7.34 -31.80
N GLY D 83 -7.47 -8.51 -31.20
CA GLY D 83 -6.35 -9.32 -30.74
C GLY D 83 -5.38 -9.65 -31.85
N ARG D 84 -5.91 -10.05 -33.00
CA ARG D 84 -5.06 -10.38 -34.13
C ARG D 84 -4.36 -9.14 -34.67
N ALA D 85 -5.09 -8.03 -34.77
CA ALA D 85 -4.51 -6.79 -35.28
C ALA D 85 -3.24 -6.44 -34.52
N VAL D 86 -3.28 -6.54 -33.19
CA VAL D 86 -2.12 -6.22 -32.38
C VAL D 86 -1.13 -7.39 -32.41
N GLY D 87 -1.59 -8.53 -32.92
CA GLY D 87 -0.72 -9.68 -33.03
C GLY D 87 -0.51 -10.61 -31.85
N ILE D 88 -1.57 -10.86 -31.08
CA ILE D 88 -1.46 -11.74 -29.94
C ILE D 88 -2.41 -12.92 -30.07
N GLU D 89 -2.04 -14.03 -29.44
CA GLU D 89 -2.83 -15.25 -29.45
C GLU D 89 -4.27 -15.09 -28.91
N VAL D 90 -4.44 -14.30 -27.84
CA VAL D 90 -5.77 -14.10 -27.27
C VAL D 90 -6.48 -12.83 -27.79
N PRO D 91 -7.75 -12.64 -27.42
CA PRO D 91 -8.48 -11.45 -27.87
C PRO D 91 -7.91 -10.24 -27.14
N CYS D 92 -8.40 -9.04 -27.47
CA CYS D 92 -7.92 -7.83 -26.84
C CYS D 92 -9.05 -6.82 -26.73
N ALA D 93 -9.31 -6.32 -25.53
CA ALA D 93 -10.37 -5.36 -25.31
C ALA D 93 -10.04 -3.96 -25.82
N SER D 94 -8.81 -3.50 -25.57
CA SER D 94 -8.41 -2.18 -26.04
C SER D 94 -6.90 -2.12 -26.33
N ALA D 95 -6.54 -1.27 -27.30
CA ALA D 95 -5.15 -1.10 -27.69
C ALA D 95 -4.90 0.36 -28.00
N ALA D 96 -3.63 0.71 -28.23
CA ALA D 96 -3.26 2.09 -28.54
C ALA D 96 -2.01 2.18 -29.39
N ILE D 97 -2.03 3.12 -30.33
CA ILE D 97 -0.87 3.35 -31.17
C ILE D 97 -0.05 4.41 -30.44
N ILE D 98 1.19 4.06 -30.11
CA ILE D 98 2.09 4.97 -29.40
C ILE D 98 2.93 5.81 -30.35
N ASN D 99 3.40 5.16 -31.42
CA ASN D 99 4.23 5.79 -32.43
C ASN D 99 3.90 5.17 -33.79
N GLU D 100 3.23 5.93 -34.66
CA GLU D 100 2.83 5.41 -35.96
C GLU D 100 4.00 5.18 -36.90
N GLY D 101 5.17 5.62 -36.47
CA GLY D 101 6.36 5.44 -37.28
C GLY D 101 6.31 6.29 -38.54
N GLU D 102 6.19 5.62 -39.69
CA GLU D 102 6.16 6.31 -40.97
C GLU D 102 4.79 6.29 -41.62
N LEU D 103 3.75 6.17 -40.81
CA LEU D 103 2.41 6.17 -41.34
C LEU D 103 1.73 7.40 -40.81
N ARG D 104 2.54 8.45 -40.60
CA ARG D 104 2.06 9.73 -40.11
C ARG D 104 0.76 10.10 -40.81
N LYS D 105 0.82 10.14 -42.13
CA LYS D 105 -0.34 10.52 -42.94
C LYS D 105 -1.57 9.63 -42.88
N GLU D 106 -1.40 8.33 -43.03
CA GLU D 106 -2.53 7.42 -42.97
C GLU D 106 -3.21 7.51 -41.60
N LEU D 107 -2.42 7.72 -40.54
CA LEU D 107 -2.97 7.85 -39.19
C LEU D 107 -3.73 9.17 -38.99
N GLY D 108 -3.16 10.27 -39.51
CA GLY D 108 -3.80 11.55 -39.35
C GLY D 108 -5.12 11.56 -40.07
N SER D 109 -5.06 11.01 -41.28
CA SER D 109 -6.20 10.92 -42.17
C SER D 109 -7.37 10.15 -41.52
N LEU D 110 -7.04 9.12 -40.76
CA LEU D 110 -8.05 8.33 -40.07
C LEU D 110 -8.60 9.10 -38.87
N VAL D 111 -7.71 9.81 -38.16
CA VAL D 111 -8.14 10.58 -37.01
C VAL D 111 -9.15 11.62 -37.45
N GLU D 112 -8.95 12.17 -38.63
CA GLU D 112 -9.88 13.17 -39.17
C GLU D 112 -11.25 12.56 -39.40
N LYS D 113 -11.29 11.38 -40.01
CA LYS D 113 -12.56 10.74 -40.27
C LYS D 113 -13.29 10.42 -38.98
N ILE D 114 -12.52 10.10 -37.95
CA ILE D 114 -13.13 9.77 -36.67
C ILE D 114 -13.78 11.02 -36.09
N LYS D 115 -13.13 12.17 -36.22
CA LYS D 115 -13.71 13.38 -35.70
C LYS D 115 -14.96 13.66 -36.52
N GLY D 116 -14.92 13.25 -37.77
CA GLY D 116 -16.06 13.46 -38.65
C GLY D 116 -17.32 12.73 -38.21
N LEU D 117 -17.18 11.72 -37.36
CA LEU D 117 -18.34 10.96 -36.89
C LEU D 117 -19.07 11.64 -35.72
N GLN D 118 -18.43 12.61 -35.08
CA GLN D 118 -19.04 13.34 -33.96
C GLN D 118 -20.19 14.27 -34.35
#